data_6BH9
#
_entry.id   6BH9
#
_cell.length_a   108.362
_cell.length_b   96.077
_cell.length_c   68.212
_cell.angle_alpha   90.00
_cell.angle_beta   128.96
_cell.angle_gamma   90.00
#
_symmetry.space_group_name_H-M   'C 1 2 1'
#
loop_
_entity.id
_entity.type
_entity.pdbx_description
1 polymer Caspase-3
2 polymer Caspase-3
3 polymer Ac-Asp-Glu-Val-Asp-CMK
4 non-polymer 'SODIUM ION'
5 non-polymer 'CHLORIDE ION'
6 water water
#
loop_
_entity_poly.entity_id
_entity_poly.type
_entity_poly.pdbx_seq_one_letter_code
_entity_poly.pdbx_strand_id
1 'polypeptide(L)'
;MENTENSVDSKSIKNLEPKIIHGSESMDSGISLDNSYKMDYPEMGLCIIINNKNFHKSTGMTSRSGTDVDAANLRETFRN
LKYEVRNKNDLTREEIVELMRDVSKEDHSKRSSFVCVLLSHGEEGIIFGTNGPVDLKKITNFFRGDRCRSLAGKPKLFII
QACRGTELDCGIETD
;
A,B
2 'polypeptide(L)'
;SGVDDDMACHKIPVEADFLYAYSTAPGYYSWRNSKDGSWFIQSLCAMLKQYADKLEFMHILTRVNRKVATEFESFSFDAT
FHAKKQIPCIVSMLTKELYFYHL
;
C,E
3 'polypeptide(L)' (ACE)DEVD(0QE) D,G
#
loop_
_chem_comp.id
_chem_comp.type
_chem_comp.name
_chem_comp.formula
0QE non-polymer chloromethane 'C H3 Cl'
ACE non-polymer 'ACETYL GROUP' 'C2 H4 O'
CL non-polymer 'CHLORIDE ION' 'Cl -1'
NA non-polymer 'SODIUM ION' 'Na 1'
#
# COMPACT_ATOMS: atom_id res chain seq x y z
N SER A 29 30.66 -19.72 8.98
CA SER A 29 29.65 -20.45 8.22
C SER A 29 29.65 -19.96 6.78
N GLY A 30 28.76 -20.50 5.95
CA GLY A 30 28.66 -20.10 4.58
C GLY A 30 28.01 -18.73 4.42
N ILE A 31 27.87 -18.31 3.16
CA ILE A 31 27.33 -17.00 2.87
C ILE A 31 25.87 -16.94 3.35
N SER A 32 25.45 -15.76 3.79
CA SER A 32 24.11 -15.61 4.36
C SER A 32 23.39 -14.45 3.68
N LEU A 33 22.06 -14.53 3.66
CA LEU A 33 21.19 -13.47 3.18
C LEU A 33 20.19 -13.12 4.28
N ASP A 34 19.75 -11.86 4.31
CA ASP A 34 18.75 -11.43 5.28
C ASP A 34 17.66 -10.63 4.57
N ASN A 35 17.05 -11.26 3.58
CA ASN A 35 15.93 -10.64 2.85
C ASN A 35 14.58 -10.94 3.47
N SER A 36 14.52 -11.76 4.51
CA SER A 36 13.24 -12.15 5.10
CA SER A 36 13.25 -12.17 5.11
CA SER A 36 13.25 -12.18 5.11
C SER A 36 13.29 -11.93 6.61
N TYR A 37 12.15 -11.51 7.16
CA TYR A 37 12.05 -11.31 8.60
C TYR A 37 12.32 -12.62 9.36
N LYS A 38 12.98 -12.50 10.50
CA LYS A 38 13.22 -13.64 11.37
C LYS A 38 11.90 -14.04 12.03
N MET A 39 11.36 -15.20 11.65
CA MET A 39 10.05 -15.62 12.16
C MET A 39 10.17 -16.87 13.00
N ASP A 40 11.37 -17.19 13.48
CA ASP A 40 11.59 -18.34 14.33
C ASP A 40 11.94 -17.95 15.76
N TYR A 41 11.44 -16.79 16.22
CA TYR A 41 11.42 -16.51 17.65
C TYR A 41 10.58 -17.58 18.35
N PRO A 42 10.72 -17.72 19.66
CA PRO A 42 9.92 -18.73 20.37
C PRO A 42 8.41 -18.61 20.14
N GLU A 43 7.91 -17.40 19.91
CA GLU A 43 6.49 -17.14 19.68
C GLU A 43 6.30 -16.38 18.36
N MET A 44 5.23 -16.70 17.63
CA MET A 44 4.85 -15.90 16.46
C MET A 44 4.46 -14.49 16.88
N GLY A 45 3.75 -14.35 18.00
CA GLY A 45 3.31 -13.07 18.50
C GLY A 45 1.82 -13.04 18.76
N LEU A 46 1.34 -11.86 19.18
CA LEU A 46 -0.07 -11.69 19.46
C LEU A 46 -0.87 -11.46 18.18
N CYS A 47 -2.12 -11.92 18.20
CA CYS A 47 -3.11 -11.54 17.20
C CYS A 47 -4.31 -10.99 17.96
N ILE A 48 -4.43 -9.67 17.99
CA ILE A 48 -5.54 -8.98 18.65
C ILE A 48 -6.65 -8.78 17.63
N ILE A 49 -7.82 -9.33 17.90
CA ILE A 49 -8.97 -9.17 17.01
C ILE A 49 -10.00 -8.32 17.73
N ILE A 50 -10.28 -7.14 17.21
CA ILE A 50 -11.31 -6.27 17.77
C ILE A 50 -12.54 -6.39 16.89
N ASN A 51 -13.59 -6.98 17.44
CA ASN A 51 -14.79 -7.34 16.71
C ASN A 51 -15.92 -6.47 17.23
N ASN A 52 -16.19 -5.37 16.54
CA ASN A 52 -17.25 -4.46 16.95
C ASN A 52 -18.50 -4.74 16.11
N LYS A 53 -19.50 -5.32 16.75
CA LYS A 53 -20.75 -5.69 16.11
C LYS A 53 -21.91 -4.79 16.50
N ASN A 54 -22.03 -4.46 17.78
CA ASN A 54 -23.15 -3.69 18.32
C ASN A 54 -22.66 -2.34 18.82
N PHE A 55 -23.31 -1.29 18.37
CA PHE A 55 -22.87 0.07 18.64
C PHE A 55 -23.92 0.79 19.48
N HIS A 56 -23.44 1.71 20.32
CA HIS A 56 -24.35 2.48 21.17
C HIS A 56 -25.43 3.14 20.31
N LYS A 57 -26.68 3.02 20.75
CA LYS A 57 -27.80 3.58 20.01
C LYS A 57 -27.57 5.06 19.66
N SER A 58 -26.91 5.80 20.54
CA SER A 58 -26.76 7.24 20.31
C SER A 58 -25.87 7.55 19.13
N THR A 59 -25.00 6.62 18.73
CA THR A 59 -24.16 6.86 17.56
C THR A 59 -24.92 6.75 16.25
N GLY A 60 -26.06 6.07 16.25
CA GLY A 60 -26.76 5.85 15.00
C GLY A 60 -26.09 4.89 14.05
N MET A 61 -25.13 4.09 14.53
CA MET A 61 -24.46 3.12 13.68
C MET A 61 -25.18 1.76 13.78
N THR A 62 -25.36 1.13 12.62
CA THR A 62 -26.07 -0.14 12.54
C THR A 62 -25.20 -1.29 13.06
N SER A 63 -25.87 -2.36 13.49
CA SER A 63 -25.19 -3.60 13.81
C SER A 63 -24.56 -4.20 12.57
N ARG A 64 -23.40 -4.86 12.76
CA ARG A 64 -22.61 -5.38 11.64
C ARG A 64 -22.77 -6.90 11.53
N SER A 65 -23.96 -7.29 11.09
CA SER A 65 -24.25 -8.72 10.94
C SER A 65 -23.23 -9.42 10.05
N GLY A 66 -22.84 -10.62 10.46
CA GLY A 66 -21.80 -11.37 9.80
C GLY A 66 -20.43 -11.20 10.41
N THR A 67 -20.21 -10.17 11.24
CA THR A 67 -18.85 -9.94 11.73
C THR A 67 -18.39 -11.05 12.68
N ASP A 68 -19.33 -11.74 13.35
CA ASP A 68 -18.91 -12.85 14.21
C ASP A 68 -18.34 -14.00 13.37
N VAL A 69 -18.90 -14.22 12.18
CA VAL A 69 -18.31 -15.18 11.24
C VAL A 69 -16.86 -14.79 10.94
N ASP A 70 -16.63 -13.50 10.67
CA ASP A 70 -15.26 -13.02 10.45
C ASP A 70 -14.37 -13.29 11.65
N ALA A 71 -14.82 -12.89 12.85
CA ALA A 71 -13.98 -13.03 14.03
C ALA A 71 -13.61 -14.50 14.28
N ALA A 72 -14.55 -15.41 14.06
CA ALA A 72 -14.28 -16.82 14.31
C ALA A 72 -13.33 -17.38 13.27
N ASN A 73 -13.51 -16.97 12.00
CA ASN A 73 -12.62 -17.41 10.93
C ASN A 73 -11.19 -16.94 11.18
N LEU A 74 -11.03 -15.68 11.59
CA LEU A 74 -9.71 -15.13 11.91
C LEU A 74 -9.08 -15.84 13.10
N ARG A 75 -9.85 -16.07 14.15
CA ARG A 75 -9.31 -16.78 15.31
C ARG A 75 -8.73 -18.13 14.90
N GLU A 76 -9.49 -18.91 14.15
CA GLU A 76 -9.03 -20.22 13.72
C GLU A 76 -7.84 -20.12 12.77
N THR A 77 -7.89 -19.19 11.81
CA THR A 77 -6.83 -19.05 10.84
C THR A 77 -5.51 -18.69 11.51
N PHE A 78 -5.53 -17.71 12.40
CA PHE A 78 -4.30 -17.31 13.05
C PHE A 78 -3.88 -18.27 14.16
N ARG A 79 -4.82 -19.00 14.74
CA ARG A 79 -4.45 -20.09 15.64
C ARG A 79 -3.59 -21.12 14.91
N ASN A 80 -3.96 -21.45 13.67
CA ASN A 80 -3.19 -22.43 12.93
C ASN A 80 -1.83 -21.88 12.48
N LEU A 81 -1.67 -20.56 12.46
CA LEU A 81 -0.36 -19.95 12.22
C LEU A 81 0.45 -19.81 13.50
N LYS A 82 -0.11 -20.26 14.64
CA LYS A 82 0.55 -20.31 15.94
C LYS A 82 0.64 -18.92 16.57
N TYR A 83 -0.28 -18.02 16.22
CA TYR A 83 -0.41 -16.77 16.94
C TYR A 83 -1.18 -16.96 18.24
N GLU A 84 -0.82 -16.17 19.24
CA GLU A 84 -1.56 -16.05 20.49
C GLU A 84 -2.72 -15.10 20.24
N VAL A 85 -3.89 -15.65 19.94
CA VAL A 85 -5.04 -14.85 19.52
C VAL A 85 -5.79 -14.35 20.75
N ARG A 86 -6.12 -13.05 20.77
CA ARG A 86 -7.00 -12.47 21.78
C ARG A 86 -8.17 -11.80 21.06
N ASN A 87 -9.38 -12.35 21.22
CA ASN A 87 -10.58 -11.78 20.64
C ASN A 87 -11.20 -10.82 21.64
N LYS A 88 -11.58 -9.64 21.16
CA LYS A 88 -12.25 -8.65 21.99
C LYS A 88 -13.49 -8.19 21.25
N ASN A 89 -14.60 -8.04 21.98
CA ASN A 89 -15.88 -7.76 21.36
C ASN A 89 -16.46 -6.46 21.90
N ASP A 90 -16.98 -5.63 20.98
CA ASP A 90 -17.78 -4.46 21.32
C ASP A 90 -17.03 -3.52 22.27
N LEU A 91 -15.88 -3.03 21.83
CA LEU A 91 -15.07 -2.13 22.63
C LEU A 91 -15.41 -0.68 22.33
N THR A 92 -15.56 0.12 23.38
CA THR A 92 -15.68 1.57 23.20
C THR A 92 -14.37 2.14 22.62
N ARG A 93 -14.44 3.39 22.16
CA ARG A 93 -13.23 4.05 21.71
C ARG A 93 -12.19 4.14 22.82
N GLU A 94 -12.64 4.35 24.07
CA GLU A 94 -11.71 4.38 25.19
C GLU A 94 -11.05 3.01 25.41
N GLU A 95 -11.83 1.94 25.33
CA GLU A 95 -11.29 0.60 25.54
C GLU A 95 -10.32 0.23 24.42
N ILE A 96 -10.60 0.66 23.18
CA ILE A 96 -9.69 0.36 22.08
C ILE A 96 -8.34 1.00 22.35
N VAL A 97 -8.32 2.29 22.70
CA VAL A 97 -7.06 2.98 22.90
C VAL A 97 -6.29 2.38 24.08
N GLU A 98 -6.99 2.08 25.17
CA GLU A 98 -6.33 1.51 26.35
C GLU A 98 -5.80 0.11 26.07
N LEU A 99 -6.56 -0.69 25.32
CA LEU A 99 -6.08 -2.02 24.94
C LEU A 99 -4.81 -1.94 24.11
N MET A 100 -4.82 -1.08 23.09
CA MET A 100 -3.66 -0.93 22.22
C MET A 100 -2.46 -0.41 22.98
N ARG A 101 -2.66 0.61 23.82
CA ARG A 101 -1.61 1.10 24.70
C ARG A 101 -1.03 -0.03 25.55
N ASP A 102 -1.90 -0.77 26.25
CA ASP A 102 -1.40 -1.84 27.11
C ASP A 102 -0.66 -2.91 26.32
N VAL A 103 -1.20 -3.29 25.16
CA VAL A 103 -0.53 -4.32 24.36
C VAL A 103 0.84 -3.84 23.90
N SER A 104 0.92 -2.58 23.48
CA SER A 104 2.20 -2.00 23.04
C SER A 104 3.22 -1.92 24.17
N LYS A 105 2.78 -1.96 25.43
CA LYS A 105 3.72 -1.89 26.54
C LYS A 105 4.07 -3.25 27.12
N GLU A 106 3.57 -4.33 26.54
CA GLU A 106 4.05 -5.67 26.86
C GLU A 106 5.46 -5.86 26.35
N ASP A 107 6.11 -6.91 26.85
CA ASP A 107 7.44 -7.30 26.40
C ASP A 107 7.26 -8.29 25.25
N HIS A 108 7.53 -7.82 24.03
CA HIS A 108 7.40 -8.64 22.83
C HIS A 108 8.73 -9.27 22.43
N SER A 109 9.72 -9.28 23.34
CA SER A 109 11.08 -9.71 22.98
C SER A 109 11.11 -11.11 22.38
N LYS A 110 10.28 -12.03 22.88
CA LYS A 110 10.31 -13.40 22.41
C LYS A 110 9.32 -13.66 21.29
N ARG A 111 8.77 -12.60 20.68
CA ARG A 111 7.73 -12.73 19.67
C ARG A 111 8.24 -12.23 18.32
N SER A 112 7.88 -12.96 17.25
CA SER A 112 8.38 -12.64 15.92
C SER A 112 7.71 -11.42 15.31
N SER A 113 6.45 -11.18 15.65
CA SER A 113 5.64 -10.24 14.89
C SER A 113 4.50 -9.77 15.78
N PHE A 114 3.66 -8.90 15.24
CA PHE A 114 2.47 -8.43 15.92
C PHE A 114 1.35 -8.28 14.88
N VAL A 115 0.16 -8.76 15.21
CA VAL A 115 -0.97 -8.66 14.30
C VAL A 115 -2.14 -8.04 15.05
N CYS A 116 -2.81 -7.07 14.41
CA CYS A 116 -4.04 -6.51 14.94
C CYS A 116 -5.10 -6.51 13.83
N VAL A 117 -6.27 -7.07 14.12
CA VAL A 117 -7.37 -7.08 13.17
C VAL A 117 -8.49 -6.21 13.72
N LEU A 118 -8.94 -5.27 12.90
CA LEU A 118 -10.02 -4.36 13.28
C LEU A 118 -11.22 -4.62 12.39
N LEU A 119 -12.35 -4.96 13.00
CA LEU A 119 -13.62 -5.20 12.32
C LEU A 119 -14.62 -4.19 12.88
N SER A 120 -14.97 -3.18 12.08
CA SER A 120 -15.88 -2.16 12.58
C SER A 120 -16.39 -1.31 11.42
N HIS A 121 -17.29 -0.39 11.74
CA HIS A 121 -17.52 0.75 10.86
C HIS A 121 -16.24 1.58 10.78
N GLY A 122 -16.11 2.32 9.69
CA GLY A 122 -14.99 3.24 9.61
C GLY A 122 -15.23 4.28 8.54
N GLU A 123 -14.31 5.24 8.48
CA GLU A 123 -14.15 6.05 7.29
C GLU A 123 -12.66 6.24 7.07
N GLU A 124 -12.29 7.03 6.06
CA GLU A 124 -10.86 7.14 5.75
C GLU A 124 -10.10 7.60 6.99
N GLY A 125 -9.11 6.80 7.40
CA GLY A 125 -8.28 7.09 8.54
C GLY A 125 -8.89 6.80 9.91
N ILE A 126 -10.07 6.19 9.95
CA ILE A 126 -10.85 6.12 11.19
C ILE A 126 -11.47 4.74 11.34
N ILE A 127 -11.47 4.22 12.56
CA ILE A 127 -12.22 3.04 12.96
CA ILE A 127 -12.28 3.06 12.90
C ILE A 127 -13.13 3.41 14.12
N PHE A 128 -14.31 2.80 14.19
CA PHE A 128 -15.27 3.18 15.22
C PHE A 128 -15.23 2.23 16.39
N GLY A 129 -15.05 2.79 17.58
CA GLY A 129 -15.47 2.11 18.79
C GLY A 129 -16.98 2.11 18.85
N THR A 130 -17.51 1.41 19.84
CA THR A 130 -18.96 1.29 19.93
C THR A 130 -19.63 2.63 20.20
N ASN A 131 -18.89 3.61 20.73
CA ASN A 131 -19.48 4.89 21.14
C ASN A 131 -18.89 6.09 20.41
N GLY A 132 -18.12 5.87 19.34
CA GLY A 132 -17.42 6.95 18.67
C GLY A 132 -16.13 6.49 18.01
N PRO A 133 -15.52 7.39 17.24
CA PRO A 133 -14.39 7.00 16.39
C PRO A 133 -13.04 7.04 17.09
N VAL A 134 -12.10 6.31 16.49
CA VAL A 134 -10.71 6.26 16.89
C VAL A 134 -9.87 6.53 15.66
N ASP A 135 -8.93 7.46 15.77
CA ASP A 135 -7.95 7.69 14.70
C ASP A 135 -7.07 6.46 14.54
N LEU A 136 -7.01 5.89 13.33
CA LEU A 136 -6.11 4.78 13.10
C LEU A 136 -4.68 5.14 13.47
N LYS A 137 -4.28 6.38 13.20
CA LYS A 137 -2.93 6.83 13.53
C LYS A 137 -2.66 6.76 15.03
N LYS A 138 -3.68 7.03 15.85
CA LYS A 138 -3.46 6.95 17.30
C LYS A 138 -3.17 5.51 17.74
N ILE A 139 -3.92 4.56 17.18
CA ILE A 139 -3.69 3.14 17.43
C ILE A 139 -2.30 2.72 16.99
N THR A 140 -1.94 2.99 15.74
CA THR A 140 -0.68 2.45 15.24
C THR A 140 0.54 3.17 15.83
N ASN A 141 0.38 4.39 16.33
CA ASN A 141 1.51 5.12 16.89
C ASN A 141 2.09 4.43 18.10
N PHE A 142 1.27 3.70 18.86
CA PHE A 142 1.78 2.97 20.03
C PHE A 142 2.86 1.98 19.65
N PHE A 143 2.85 1.51 18.40
CA PHE A 143 3.77 0.46 17.95
C PHE A 143 4.92 1.01 17.10
N ARG A 144 5.04 2.33 16.98
CA ARG A 144 6.23 2.95 16.38
C ARG A 144 7.51 2.33 16.94
N GLY A 145 8.53 2.25 16.08
CA GLY A 145 9.80 1.65 16.50
C GLY A 145 10.40 2.29 17.74
N ASP A 146 10.19 3.59 17.93
CA ASP A 146 10.69 4.26 19.12
C ASP A 146 9.76 4.14 20.32
N ARG A 147 8.50 3.72 20.13
CA ARG A 147 7.57 3.61 21.25
C ARG A 147 7.27 2.18 21.65
N CYS A 148 7.59 1.18 20.82
CA CYS A 148 7.50 -0.22 21.22
C CYS A 148 8.82 -0.88 20.80
N ARG A 149 9.84 -0.80 21.67
CA ARG A 149 11.19 -1.19 21.24
C ARG A 149 11.30 -2.69 20.99
N SER A 150 10.52 -3.51 21.69
CA SER A 150 10.60 -4.95 21.53
C SER A 150 9.91 -5.44 20.26
N LEU A 151 9.21 -4.57 19.54
CA LEU A 151 8.74 -4.88 18.20
C LEU A 151 9.52 -4.15 17.13
N ALA A 152 10.53 -3.36 17.50
CA ALA A 152 11.32 -2.64 16.49
C ALA A 152 12.02 -3.64 15.58
N GLY A 153 11.95 -3.39 14.27
CA GLY A 153 12.50 -4.31 13.28
C GLY A 153 11.66 -5.53 13.02
N LYS A 154 10.52 -5.66 13.66
CA LYS A 154 9.63 -6.80 13.48
C LYS A 154 8.36 -6.36 12.76
N PRO A 155 7.75 -7.25 11.98
CA PRO A 155 6.59 -6.84 11.18
C PRO A 155 5.36 -6.65 12.04
N LYS A 156 4.71 -5.50 11.88
CA LYS A 156 3.49 -5.12 12.60
C LYS A 156 2.36 -5.02 11.58
N LEU A 157 1.43 -5.96 11.62
CA LEU A 157 0.38 -6.11 10.60
C LEU A 157 -0.95 -5.62 11.13
N PHE A 158 -1.56 -4.66 10.44
CA PHE A 158 -2.87 -4.16 10.79
C PHE A 158 -3.83 -4.53 9.67
N ILE A 159 -4.81 -5.37 9.98
CA ILE A 159 -5.75 -5.88 9.00
C ILE A 159 -7.10 -5.24 9.30
N ILE A 160 -7.63 -4.48 8.36
CA ILE A 160 -8.71 -3.52 8.65
C ILE A 160 -9.88 -3.80 7.73
N GLN A 161 -10.94 -4.35 8.28
CA GLN A 161 -12.21 -4.53 7.60
C GLN A 161 -13.12 -3.40 8.09
N ALA A 162 -13.26 -2.35 7.27
CA ALA A 162 -13.99 -1.15 7.65
C ALA A 162 -14.11 -0.27 6.42
N CYS A 163 -15.17 0.53 6.36
CA CYS A 163 -15.30 1.45 5.25
C CYS A 163 -14.18 2.49 5.31
N ARG A 164 -13.83 3.01 4.13
CA ARG A 164 -12.85 4.08 4.00
C ARG A 164 -13.46 5.30 3.35
N GLY A 165 -14.78 5.41 3.38
CA GLY A 165 -15.49 6.44 2.65
C GLY A 165 -16.81 5.87 2.16
N THR A 166 -17.42 6.58 1.20
CA THR A 166 -18.74 6.19 0.73
C THR A 166 -18.79 6.01 -0.79
N GLU A 167 -17.65 5.87 -1.45
CA GLU A 167 -17.70 5.59 -2.89
C GLU A 167 -18.02 4.12 -3.15
N LEU A 168 -18.70 3.88 -4.26
CA LEU A 168 -19.04 2.54 -4.72
C LEU A 168 -18.33 2.29 -6.05
N ASP A 169 -17.82 1.08 -6.23
CA ASP A 169 -17.12 0.71 -7.45
C ASP A 169 -18.12 0.01 -8.37
N CYS A 170 -18.41 0.64 -9.52
CA CYS A 170 -19.40 0.08 -10.44
C CYS A 170 -18.85 -1.09 -11.25
N GLY A 171 -17.54 -1.30 -11.24
CA GLY A 171 -16.92 -2.37 -12.00
C GLY A 171 -17.00 -2.19 -13.50
N ILE A 172 -16.31 -3.05 -14.25
CA ILE A 172 -16.35 -3.04 -15.70
C ILE A 172 -16.29 -4.48 -16.18
N GLU A 173 -17.11 -4.80 -17.19
CA GLU A 173 -17.14 -6.15 -17.72
C GLU A 173 -15.77 -6.52 -18.29
N THR A 174 -15.43 -7.80 -18.16
CA THR A 174 -14.14 -8.32 -18.62
C THR A 174 -14.20 -8.78 -20.08
N HIS B 10 22.29 3.12 11.08
CA HIS B 10 22.31 3.03 12.53
C HIS B 10 20.92 3.27 13.12
N LYS B 11 20.06 3.96 12.39
CA LYS B 11 18.66 4.14 12.77
C LYS B 11 17.75 3.54 11.70
N ILE B 12 16.55 3.15 12.12
CA ILE B 12 15.47 2.84 11.18
C ILE B 12 14.35 3.86 11.34
N PRO B 13 13.55 4.10 10.30
CA PRO B 13 12.38 4.98 10.45
C PRO B 13 11.43 4.43 11.51
N VAL B 14 10.85 5.33 12.31
CA VAL B 14 9.84 4.88 13.28
C VAL B 14 8.59 4.33 12.59
N GLU B 15 8.34 4.67 11.33
CA GLU B 15 7.19 4.14 10.60
CA GLU B 15 7.19 4.14 10.62
C GLU B 15 7.52 2.87 9.82
N ALA B 16 8.77 2.42 9.85
CA ALA B 16 9.13 1.20 9.12
C ALA B 16 8.51 -0.04 9.78
N ASP B 17 8.33 -1.07 8.95
CA ASP B 17 7.94 -2.42 9.35
C ASP B 17 6.46 -2.50 9.75
N PHE B 18 5.63 -1.62 9.19
CA PHE B 18 4.19 -1.73 9.30
C PHE B 18 3.63 -2.24 7.98
N LEU B 19 2.56 -3.01 8.07
CA LEU B 19 1.76 -3.35 6.90
C LEU B 19 0.28 -3.20 7.25
N TYR B 20 -0.43 -2.46 6.41
CA TYR B 20 -1.86 -2.24 6.53
C TYR B 20 -2.53 -3.01 5.41
N ALA B 21 -3.28 -4.05 5.78
CA ALA B 21 -4.04 -4.83 4.79
C ALA B 21 -5.46 -4.28 4.84
N TYR B 22 -5.75 -3.30 3.98
CA TYR B 22 -7.09 -2.73 3.94
C TYR B 22 -8.02 -3.58 3.10
N SER B 23 -9.27 -3.67 3.55
CA SER B 23 -10.30 -4.42 2.83
C SER B 23 -10.71 -3.78 1.52
N THR B 24 -10.47 -2.47 1.35
CA THR B 24 -11.04 -1.73 0.24
C THR B 24 -10.14 -0.55 -0.11
N ALA B 25 -10.36 0.00 -1.30
CA ALA B 25 -9.58 1.12 -1.80
C ALA B 25 -9.86 2.39 -0.99
N PRO B 26 -8.92 3.34 -0.98
CA PRO B 26 -9.17 4.62 -0.32
C PRO B 26 -10.44 5.30 -0.83
N GLY B 27 -11.27 5.79 0.09
CA GLY B 27 -12.49 6.48 -0.25
C GLY B 27 -13.70 5.59 -0.48
N TYR B 28 -13.56 4.27 -0.46
CA TYR B 28 -14.66 3.37 -0.83
C TYR B 28 -15.32 2.71 0.38
N TYR B 29 -16.59 2.37 0.21
CA TYR B 29 -17.24 1.43 1.11
C TYR B 29 -16.51 0.10 1.08
N SER B 30 -16.70 -0.69 2.13
CA SER B 30 -16.27 -2.07 2.19
C SER B 30 -17.51 -2.93 2.39
N TRP B 31 -17.55 -4.09 1.73
CA TRP B 31 -18.74 -4.93 1.71
C TRP B 31 -18.64 -6.08 2.70
N ARG B 32 -19.73 -6.28 3.45
CA ARG B 32 -19.85 -7.35 4.43
C ARG B 32 -21.15 -8.09 4.15
N ASN B 33 -21.07 -9.41 4.07
CA ASN B 33 -22.27 -10.22 3.90
C ASN B 33 -22.75 -10.73 5.26
N SER B 34 -24.04 -10.54 5.54
CA SER B 34 -24.53 -10.80 6.88
C SER B 34 -24.53 -12.28 7.23
N LYS B 35 -24.51 -13.16 6.23
CA LYS B 35 -24.46 -14.60 6.43
C LYS B 35 -23.06 -15.18 6.35
N ASP B 36 -22.27 -14.76 5.36
CA ASP B 36 -20.97 -15.36 5.06
C ASP B 36 -19.79 -14.64 5.69
N GLY B 37 -19.99 -13.45 6.25
CA GLY B 37 -18.88 -12.61 6.65
C GLY B 37 -18.49 -11.63 5.56
N SER B 38 -17.47 -10.83 5.84
CA SER B 38 -17.05 -9.81 4.88
C SER B 38 -16.28 -10.45 3.73
N TRP B 39 -16.40 -9.85 2.54
CA TRP B 39 -15.71 -10.36 1.37
C TRP B 39 -14.22 -10.50 1.63
N PHE B 40 -13.64 -9.47 2.24
CA PHE B 40 -12.18 -9.42 2.42
C PHE B 40 -11.72 -10.43 3.45
N ILE B 41 -12.38 -10.49 4.61
CA ILE B 41 -11.91 -11.41 5.64
C ILE B 41 -12.13 -12.86 5.20
N GLN B 42 -13.29 -13.16 4.60
CA GLN B 42 -13.51 -14.48 3.99
C GLN B 42 -12.35 -14.88 3.11
N SER B 43 -11.98 -13.99 2.19
CA SER B 43 -10.95 -14.30 1.21
C SER B 43 -9.58 -14.39 1.85
N LEU B 44 -9.31 -13.49 2.81
CA LEU B 44 -8.03 -13.49 3.49
C LEU B 44 -7.79 -14.79 4.25
N CYS B 45 -8.80 -15.26 4.99
CA CYS B 45 -8.61 -16.51 5.73
C CYS B 45 -8.43 -17.69 4.78
N ALA B 46 -9.20 -17.73 3.70
CA ALA B 46 -9.05 -18.79 2.70
C ALA B 46 -7.65 -18.82 2.11
N MET B 47 -7.10 -17.65 1.76
CA MET B 47 -5.78 -17.64 1.16
C MET B 47 -4.69 -17.93 2.18
N LEU B 48 -4.85 -17.46 3.43
CA LEU B 48 -3.89 -17.85 4.47
C LEU B 48 -3.93 -19.36 4.69
N LYS B 49 -5.13 -19.92 4.80
CA LYS B 49 -5.28 -21.36 4.94
C LYS B 49 -4.55 -22.11 3.83
N GLN B 50 -4.72 -21.67 2.59
CA GLN B 50 -4.19 -22.40 1.44
C GLN B 50 -2.71 -22.13 1.18
N TYR B 51 -2.21 -20.92 1.48
CA TYR B 51 -0.88 -20.54 1.02
C TYR B 51 0.10 -20.11 2.11
N ALA B 52 -0.28 -20.10 3.38
CA ALA B 52 0.66 -19.62 4.39
C ALA B 52 1.89 -20.50 4.51
N ASP B 53 1.82 -21.77 4.11
CA ASP B 53 3.01 -22.62 4.13
C ASP B 53 3.73 -22.63 2.79
N LYS B 54 3.41 -21.71 1.87
CA LYS B 54 3.86 -21.79 0.49
C LYS B 54 4.36 -20.47 -0.08
N LEU B 55 3.71 -19.35 0.28
CA LEU B 55 3.91 -18.08 -0.38
C LEU B 55 4.33 -17.00 0.62
N GLU B 56 5.13 -16.05 0.14
CA GLU B 56 5.42 -14.83 0.89
C GLU B 56 4.14 -14.01 1.04
N PHE B 57 4.06 -13.25 2.14
CA PHE B 57 2.79 -12.65 2.55
C PHE B 57 2.23 -11.68 1.52
N MET B 58 3.09 -10.92 0.83
CA MET B 58 2.57 -10.01 -0.20
C MET B 58 1.91 -10.78 -1.33
N HIS B 59 2.47 -11.95 -1.67
CA HIS B 59 1.86 -12.77 -2.71
C HIS B 59 0.56 -13.40 -2.24
N ILE B 60 0.45 -13.76 -0.96
CA ILE B 60 -0.82 -14.17 -0.39
C ILE B 60 -1.85 -13.05 -0.53
N LEU B 61 -1.50 -11.83 -0.10
CA LEU B 61 -2.44 -10.71 -0.15
C LEU B 61 -2.80 -10.33 -1.58
N THR B 62 -1.90 -10.55 -2.54
CA THR B 62 -2.26 -10.34 -3.93
C THR B 62 -3.32 -11.34 -4.38
N ARG B 63 -3.22 -12.61 -3.97
CA ARG B 63 -4.29 -13.58 -4.24
C ARG B 63 -5.61 -13.15 -3.60
N VAL B 64 -5.54 -12.58 -2.40
CA VAL B 64 -6.74 -12.04 -1.75
C VAL B 64 -7.36 -10.94 -2.61
N ASN B 65 -6.53 -10.00 -3.07
CA ASN B 65 -7.01 -8.97 -4.00
C ASN B 65 -7.79 -9.57 -5.17
N ARG B 66 -7.21 -10.58 -5.83
CA ARG B 66 -7.85 -11.16 -7.00
C ARG B 66 -9.14 -11.88 -6.64
N LYS B 67 -9.16 -12.58 -5.50
CA LYS B 67 -10.35 -13.28 -5.07
C LYS B 67 -11.50 -12.30 -4.83
N VAL B 68 -11.24 -11.24 -4.07
CA VAL B 68 -12.26 -10.24 -3.81
C VAL B 68 -12.70 -9.59 -5.10
N ALA B 69 -11.73 -9.22 -5.95
CA ALA B 69 -12.04 -8.50 -7.18
C ALA B 69 -12.87 -9.32 -8.15
N THR B 70 -12.66 -10.64 -8.18
CA THR B 70 -13.30 -11.44 -9.23
C THR B 70 -14.52 -12.21 -8.76
N GLU B 71 -14.55 -12.67 -7.51
CA GLU B 71 -15.58 -13.62 -7.10
C GLU B 71 -16.76 -12.96 -6.40
N PHE B 72 -16.71 -11.67 -6.16
CA PHE B 72 -17.72 -11.00 -5.36
C PHE B 72 -18.34 -9.85 -6.13
N GLU B 73 -19.64 -9.67 -5.96
CA GLU B 73 -20.36 -8.55 -6.54
C GLU B 73 -21.62 -8.38 -5.71
N SER B 74 -21.94 -7.15 -5.36
CA SER B 74 -23.05 -6.95 -4.43
C SER B 74 -24.38 -7.24 -5.11
N PHE B 75 -25.33 -7.72 -4.31
CA PHE B 75 -26.72 -7.87 -4.75
C PHE B 75 -27.58 -7.03 -3.82
N SER B 76 -28.28 -6.04 -4.37
CA SER B 76 -29.11 -5.17 -3.53
C SER B 76 -30.43 -4.84 -4.21
N PHE B 77 -31.50 -4.78 -3.42
CA PHE B 77 -32.77 -4.27 -3.93
C PHE B 77 -32.70 -2.78 -4.23
N ASP B 78 -31.68 -2.10 -3.73
CA ASP B 78 -31.46 -0.67 -3.97
C ASP B 78 -30.50 -0.53 -5.13
N ALA B 79 -30.97 0.09 -6.23
CA ALA B 79 -30.14 0.25 -7.43
C ALA B 79 -28.82 0.96 -7.12
N THR B 80 -28.82 1.87 -6.15
CA THR B 80 -27.59 2.59 -5.80
C THR B 80 -26.50 1.64 -5.33
N PHE B 81 -26.88 0.57 -4.61
CA PHE B 81 -25.91 -0.33 -4.00
C PHE B 81 -25.81 -1.67 -4.70
N HIS B 82 -26.49 -1.83 -5.82
CA HIS B 82 -26.52 -3.12 -6.52
C HIS B 82 -25.38 -3.25 -7.51
N ALA B 83 -24.85 -4.48 -7.63
CA ALA B 83 -23.91 -4.86 -8.68
C ALA B 83 -22.57 -4.13 -8.53
N LYS B 84 -22.15 -3.91 -7.30
CA LYS B 84 -20.91 -3.18 -7.05
C LYS B 84 -19.76 -4.15 -6.75
N LYS B 85 -18.55 -3.64 -6.92
CA LYS B 85 -17.33 -4.44 -6.83
C LYS B 85 -16.42 -3.87 -5.75
N GLN B 86 -15.36 -4.61 -5.42
CA GLN B 86 -14.44 -4.16 -4.39
C GLN B 86 -13.03 -4.64 -4.71
N ILE B 87 -12.04 -3.79 -4.47
CA ILE B 87 -10.63 -4.20 -4.57
C ILE B 87 -9.97 -3.85 -3.24
N PRO B 88 -9.36 -4.80 -2.56
CA PRO B 88 -8.67 -4.46 -1.31
C PRO B 88 -7.38 -3.71 -1.61
N CYS B 89 -6.66 -3.28 -0.59
CA CYS B 89 -5.59 -2.31 -0.78
C CYS B 89 -4.47 -2.64 0.19
N ILE B 90 -3.39 -3.21 -0.33
CA ILE B 90 -2.22 -3.56 0.47
C ILE B 90 -1.35 -2.32 0.60
N VAL B 91 -1.04 -1.93 1.84
CA VAL B 91 -0.15 -0.79 2.09
C VAL B 91 1.05 -1.30 2.88
N SER B 92 2.19 -1.45 2.22
CA SER B 92 3.36 -2.05 2.85
C SER B 92 4.47 -1.03 3.08
N MET B 93 4.82 -0.87 4.36
CA MET B 93 6.07 -0.23 4.72
CA MET B 93 6.06 -0.23 4.79
C MET B 93 7.03 -1.24 5.35
N LEU B 94 6.89 -2.51 4.97
CA LEU B 94 7.81 -3.55 5.41
C LEU B 94 9.15 -3.42 4.70
N THR B 95 10.19 -3.92 5.36
CA THR B 95 11.55 -3.86 4.84
C THR B 95 12.09 -5.23 4.46
N LYS B 96 11.32 -6.29 4.69
CA LYS B 96 11.75 -7.64 4.37
C LYS B 96 10.55 -8.45 3.90
N GLU B 97 10.84 -9.57 3.27
CA GLU B 97 9.82 -10.55 2.95
C GLU B 97 9.33 -11.23 4.24
N LEU B 98 8.06 -11.59 4.26
CA LEU B 98 7.42 -12.18 5.43
C LEU B 98 6.87 -13.54 5.06
N TYR B 99 7.44 -14.59 5.65
CA TYR B 99 6.93 -15.95 5.55
C TYR B 99 6.45 -16.36 6.93
N PHE B 100 5.24 -16.91 7.02
CA PHE B 100 4.75 -17.37 8.31
C PHE B 100 5.42 -18.66 8.76
N TYR B 101 5.98 -19.43 7.83
CA TYR B 101 6.76 -20.60 8.18
C TYR B 101 8.24 -20.25 8.29
N HIS B 102 9.02 -21.17 8.85
CA HIS B 102 10.45 -21.00 9.01
C HIS B 102 11.16 -22.33 8.82
N LEU B 103 12.49 -22.31 8.90
CA LEU B 103 13.39 -23.47 8.75
C LEU B 103 13.36 -23.97 7.30
N SER C 29 -3.48 -28.87 -23.70
CA SER C 29 -2.14 -28.78 -23.14
C SER C 29 -2.17 -29.21 -21.69
N GLY C 30 -1.05 -29.05 -20.99
CA GLY C 30 -0.99 -29.40 -19.59
C GLY C 30 -1.66 -28.37 -18.71
N ILE C 31 -1.60 -28.61 -17.40
CA ILE C 31 -2.28 -27.73 -16.46
C ILE C 31 -1.65 -26.35 -16.52
N SER C 32 -2.47 -25.33 -16.30
CA SER C 32 -2.01 -23.95 -16.38
C SER C 32 -2.33 -23.21 -15.10
N LEU C 33 -1.54 -22.17 -14.82
CA LEU C 33 -1.79 -21.25 -13.73
C LEU C 33 -1.80 -19.83 -14.30
N ASP C 34 -2.59 -18.95 -13.68
CA ASP C 34 -2.63 -17.55 -14.09
C ASP C 34 -2.46 -16.66 -12.86
N ASN C 35 -1.34 -16.87 -12.16
CA ASN C 35 -1.03 -16.05 -11.00
C ASN C 35 -0.24 -14.80 -11.33
N SER C 36 0.23 -14.64 -12.55
CA SER C 36 1.07 -13.51 -12.93
CA SER C 36 1.06 -13.50 -12.92
C SER C 36 0.50 -12.80 -14.15
N TYR C 37 0.66 -11.49 -14.18
CA TYR C 37 0.22 -10.72 -15.34
C TYR C 37 0.93 -11.19 -16.60
N LYS C 38 0.20 -11.19 -17.71
CA LYS C 38 0.78 -11.47 -19.02
C LYS C 38 1.65 -10.29 -19.43
N MET C 39 2.96 -10.50 -19.46
CA MET C 39 3.90 -9.42 -19.78
C MET C 39 4.64 -9.69 -21.07
N ASP C 40 4.10 -10.55 -21.94
CA ASP C 40 4.71 -10.84 -23.22
C ASP C 40 3.86 -10.34 -24.39
N TYR C 41 3.09 -9.27 -24.16
CA TYR C 41 2.53 -8.51 -25.27
C TYR C 41 3.68 -8.00 -26.15
N PRO C 42 3.38 -7.58 -27.38
CA PRO C 42 4.45 -7.04 -28.25
C PRO C 42 5.25 -5.92 -27.62
N GLU C 43 4.61 -5.08 -26.80
CA GLU C 43 5.26 -3.95 -26.15
C GLU C 43 5.10 -4.04 -24.64
N MET C 44 6.14 -3.63 -23.89
CA MET C 44 5.97 -3.51 -22.44
C MET C 44 4.96 -2.41 -22.10
N GLY C 45 4.99 -1.31 -22.84
CA GLY C 45 4.06 -0.21 -22.61
C GLY C 45 4.80 1.10 -22.46
N LEU C 46 4.02 2.15 -22.18
CA LEU C 46 4.58 3.48 -21.98
C LEU C 46 5.14 3.65 -20.58
N CYS C 47 6.19 4.45 -20.47
CA CYS C 47 6.68 4.97 -19.21
C CYS C 47 6.72 6.50 -19.35
N ILE C 48 5.72 7.17 -18.80
CA ILE C 48 5.64 8.62 -18.81
C ILE C 48 6.33 9.16 -17.57
N ILE C 49 7.37 9.96 -17.76
CA ILE C 49 8.09 10.56 -16.63
C ILE C 49 7.79 12.06 -16.66
N ILE C 50 7.12 12.55 -15.61
CA ILE C 50 6.84 13.98 -15.49
C ILE C 50 7.81 14.55 -14.46
N ASN C 51 8.75 15.36 -14.95
CA ASN C 51 9.88 15.87 -14.18
C ASN C 51 9.67 17.37 -13.98
N ASN C 52 9.12 17.75 -12.84
CA ASN C 52 8.87 19.16 -12.53
C ASN C 52 9.98 19.68 -11.62
N LYS C 53 10.85 20.51 -12.18
CA LYS C 53 12.00 21.08 -11.51
C LYS C 53 11.82 22.54 -11.17
N ASN C 54 11.31 23.33 -12.12
CA ASN C 54 11.19 24.77 -11.99
C ASN C 54 9.74 25.17 -11.96
N PHE C 55 9.35 25.94 -10.95
CA PHE C 55 7.96 26.28 -10.72
C PHE C 55 7.76 27.77 -10.91
N HIS C 56 6.55 28.15 -11.33
CA HIS C 56 6.24 29.55 -11.54
C HIS C 56 6.51 30.32 -10.25
N LYS C 57 7.17 31.47 -10.39
CA LYS C 57 7.54 32.28 -9.23
C LYS C 57 6.33 32.54 -8.33
N SER C 58 5.14 32.74 -8.92
CA SER C 58 3.99 33.13 -8.12
C SER C 58 3.51 32.02 -7.20
N THR C 59 3.86 30.76 -7.49
CA THR C 59 3.51 29.67 -6.59
C THR C 59 4.31 29.68 -5.30
N GLY C 60 5.49 30.31 -5.32
CA GLY C 60 6.34 30.26 -4.15
C GLY C 60 7.02 28.94 -3.89
N MET C 61 6.96 28.00 -4.83
CA MET C 61 7.61 26.71 -4.67
C MET C 61 9.05 26.77 -5.17
N THR C 62 9.96 26.14 -4.42
CA THR C 62 11.37 26.17 -4.75
C THR C 62 11.69 25.19 -5.89
N SER C 63 12.82 25.44 -6.53
CA SER C 63 13.34 24.49 -7.53
C SER C 63 13.77 23.20 -6.85
N ARG C 64 13.61 22.10 -7.57
CA ARG C 64 13.85 20.75 -7.03
C ARG C 64 15.18 20.20 -7.55
N SER C 65 16.27 20.80 -7.07
CA SER C 65 17.60 20.38 -7.50
C SER C 65 17.81 18.90 -7.25
N GLY C 66 18.45 18.25 -8.23
CA GLY C 66 18.65 16.82 -8.21
C GLY C 66 17.60 16.03 -8.99
N THR C 67 16.47 16.65 -9.33
CA THR C 67 15.42 15.89 -10.00
C THR C 67 15.83 15.45 -11.41
N ASP C 68 16.71 16.22 -12.08
CA ASP C 68 17.16 15.77 -13.39
C ASP C 68 17.98 14.48 -13.29
N VAL C 69 18.74 14.31 -12.21
CA VAL C 69 19.41 13.04 -11.95
C VAL C 69 18.39 11.91 -11.87
N ASP C 70 17.31 12.14 -11.11
CA ASP C 70 16.24 11.16 -11.03
C ASP C 70 15.66 10.85 -12.40
N ALA C 71 15.33 11.89 -13.17
CA ALA C 71 14.65 11.68 -14.45
C ALA C 71 15.54 10.90 -15.42
N ALA C 72 16.86 11.16 -15.39
CA ALA C 72 17.78 10.46 -16.28
C ALA C 72 17.94 9.00 -15.85
N ASN C 73 18.01 8.78 -14.55
CA ASN C 73 18.13 7.43 -14.01
C ASN C 73 16.90 6.58 -14.36
N LEU C 74 15.72 7.18 -14.24
CA LEU C 74 14.48 6.49 -14.57
C LEU C 74 14.37 6.20 -16.06
N ARG C 75 14.75 7.16 -16.91
CA ARG C 75 14.72 6.92 -18.34
C ARG C 75 15.58 5.71 -18.73
N GLU C 76 16.80 5.66 -18.20
CA GLU C 76 17.71 4.56 -18.52
C GLU C 76 17.22 3.24 -17.93
N THR C 77 16.72 3.28 -16.70
CA THR C 77 16.24 2.07 -16.04
C THR C 77 15.07 1.46 -16.81
N PHE C 78 14.08 2.28 -17.16
CA PHE C 78 12.94 1.72 -17.85
C PHE C 78 13.21 1.46 -19.32
N ARG C 79 14.18 2.15 -19.92
CA ARG C 79 14.67 1.78 -21.24
C ARG C 79 15.18 0.35 -21.24
N ASN C 80 15.92 -0.02 -20.21
CA ASN C 80 16.47 -1.37 -20.14
C ASN C 80 15.39 -2.40 -19.84
N LEU C 81 14.23 -1.98 -19.34
CA LEU C 81 13.10 -2.88 -19.17
C LEU C 81 12.23 -2.95 -20.43
N LYS C 82 12.62 -2.23 -21.48
CA LYS C 82 11.96 -2.21 -22.79
C LYS C 82 10.66 -1.41 -22.77
N TYR C 83 10.54 -0.43 -21.87
CA TYR C 83 9.44 0.51 -21.90
C TYR C 83 9.69 1.62 -22.92
N GLU C 84 8.62 2.07 -23.55
CA GLU C 84 8.65 3.25 -24.41
C GLU C 84 8.58 4.48 -23.50
N VAL C 85 9.74 5.06 -23.19
CA VAL C 85 9.81 6.14 -22.21
C VAL C 85 9.53 7.47 -22.90
N ARG C 86 8.67 8.29 -22.29
CA ARG C 86 8.47 9.68 -22.72
C ARG C 86 8.76 10.57 -21.50
N ASN C 87 9.81 11.36 -21.61
CA ASN C 87 10.17 12.32 -20.56
C ASN C 87 9.52 13.65 -20.86
N LYS C 88 8.91 14.25 -19.84
CA LYS C 88 8.30 15.57 -19.96
C LYS C 88 8.79 16.42 -18.80
N ASN C 89 9.08 17.69 -19.07
CA ASN C 89 9.71 18.57 -18.09
C ASN C 89 8.87 19.81 -17.86
N ASP C 90 8.71 20.17 -16.59
CA ASP C 90 8.12 21.46 -16.20
C ASP C 90 6.74 21.67 -16.81
N LEU C 91 5.81 20.76 -16.47
CA LEU C 91 4.46 20.84 -16.98
C LEU C 91 3.55 21.60 -16.02
N THR C 92 2.73 22.48 -16.57
CA THR C 92 1.68 23.12 -15.79
C THR C 92 0.65 22.09 -15.37
N ARG C 93 -0.19 22.48 -14.41
CA ARG C 93 -1.27 21.59 -14.00
C ARG C 93 -2.18 21.28 -15.19
N GLU C 94 -2.41 22.25 -16.07
CA GLU C 94 -3.22 22.00 -17.26
C GLU C 94 -2.55 20.99 -18.18
N GLU C 95 -1.23 21.13 -18.38
CA GLU C 95 -0.51 20.22 -19.26
C GLU C 95 -0.48 18.81 -18.70
N ILE C 96 -0.34 18.68 -17.38
CA ILE C 96 -0.37 17.35 -16.77
C ILE C 96 -1.67 16.65 -17.07
N VAL C 97 -2.79 17.35 -16.85
CA VAL C 97 -4.09 16.73 -17.04
C VAL C 97 -4.32 16.36 -18.50
N GLU C 98 -3.97 17.28 -19.41
CA GLU C 98 -4.15 17.01 -20.84
C GLU C 98 -3.27 15.86 -21.31
N LEU C 99 -2.03 15.80 -20.83
CA LEU C 99 -1.14 14.69 -21.17
C LEU C 99 -1.72 13.36 -20.71
N MET C 100 -2.15 13.29 -19.44
CA MET C 100 -2.70 12.05 -18.90
C MET C 100 -3.97 11.65 -19.63
N ARG C 101 -4.86 12.61 -19.89
CA ARG C 101 -6.05 12.33 -20.67
C ARG C 101 -5.68 11.75 -22.04
N ASP C 102 -4.79 12.43 -22.76
CA ASP C 102 -4.41 11.96 -24.09
C ASP C 102 -3.76 10.58 -24.05
N VAL C 103 -2.88 10.35 -23.07
CA VAL C 103 -2.24 9.04 -22.96
C VAL C 103 -3.28 7.95 -22.69
N SER C 104 -4.25 8.25 -21.83
CA SER C 104 -5.31 7.27 -21.51
C SER C 104 -6.20 6.97 -22.71
N LYS C 105 -6.22 7.84 -23.72
CA LYS C 105 -7.04 7.63 -24.89
C LYS C 105 -6.27 6.99 -26.04
N GLU C 106 -4.99 6.68 -25.86
CA GLU C 106 -4.27 5.88 -26.83
C GLU C 106 -4.78 4.44 -26.80
N ASP C 107 -4.45 3.70 -27.86
CA ASP C 107 -4.76 2.29 -27.95
C ASP C 107 -3.60 1.51 -27.33
N HIS C 108 -3.81 0.98 -26.13
CA HIS C 108 -2.80 0.21 -25.43
C HIS C 108 -2.93 -1.29 -25.67
N SER C 109 -3.69 -1.69 -26.70
CA SER C 109 -4.03 -3.10 -26.91
C SER C 109 -2.79 -3.99 -27.01
N LYS C 110 -1.72 -3.49 -27.60
CA LYS C 110 -0.51 -4.28 -27.78
C LYS C 110 0.51 -4.07 -26.66
N ARG C 111 0.12 -3.41 -25.57
CA ARG C 111 1.03 -3.07 -24.48
C ARG C 111 0.69 -3.90 -23.23
N SER C 112 1.74 -4.38 -22.55
CA SER C 112 1.55 -5.22 -21.37
C SER C 112 1.08 -4.42 -20.15
N SER C 113 1.50 -3.18 -20.05
CA SER C 113 1.38 -2.45 -18.79
C SER C 113 1.43 -0.97 -19.09
N PHE C 114 1.30 -0.17 -18.03
CA PHE C 114 1.45 1.29 -18.11
C PHE C 114 2.21 1.77 -16.88
N VAL C 115 3.18 2.67 -17.09
CA VAL C 115 3.95 3.24 -15.98
C VAL C 115 3.90 4.76 -16.09
N CYS C 116 3.65 5.42 -14.98
CA CYS C 116 3.75 6.88 -14.88
C CYS C 116 4.60 7.23 -13.67
N VAL C 117 5.65 8.04 -13.89
CA VAL C 117 6.48 8.52 -12.80
C VAL C 117 6.25 10.02 -12.64
N LEU C 118 5.91 10.43 -11.43
CA LEU C 118 5.68 11.83 -11.09
C LEU C 118 6.77 12.29 -10.13
N LEU C 119 7.51 13.32 -10.53
CA LEU C 119 8.57 13.93 -9.75
C LEU C 119 8.20 15.40 -9.55
N SER C 120 7.76 15.74 -8.34
CA SER C 120 7.35 17.13 -8.12
C SER C 120 7.23 17.40 -6.63
N HIS C 121 6.91 18.64 -6.29
CA HIS C 121 6.36 18.94 -4.98
C HIS C 121 5.01 18.25 -4.84
N GLY C 122 4.59 18.03 -3.60
CA GLY C 122 3.25 17.52 -3.42
C GLY C 122 2.84 17.59 -1.97
N GLU C 123 1.59 17.22 -1.73
CA GLU C 123 1.05 17.00 -0.41
CA GLU C 123 1.15 16.92 -0.38
C GLU C 123 0.20 15.73 -0.47
N GLU C 124 -0.40 15.35 0.65
CA GLU C 124 -1.21 14.14 0.63
C GLU C 124 -2.29 14.25 -0.44
N GLY C 125 -2.28 13.32 -1.38
CA GLY C 125 -3.26 13.27 -2.44
C GLY C 125 -3.02 14.20 -3.62
N ILE C 126 -1.90 14.92 -3.64
CA ILE C 126 -1.72 16.02 -4.57
C ILE C 126 -0.31 16.00 -5.12
N ILE C 127 -0.18 16.31 -6.42
CA ILE C 127 1.09 16.57 -7.08
CA ILE C 127 1.12 16.62 -7.00
C ILE C 127 1.00 17.95 -7.73
N PHE C 128 2.09 18.69 -7.75
CA PHE C 128 2.07 20.06 -8.26
C PHE C 128 2.53 20.12 -9.71
N GLY C 129 1.71 20.76 -10.54
CA GLY C 129 2.22 21.32 -11.77
C GLY C 129 3.04 22.54 -11.46
N THR C 130 3.67 23.09 -12.50
CA THR C 130 4.54 24.24 -12.27
C THR C 130 3.77 25.46 -11.76
N ASN C 131 2.44 25.50 -11.95
CA ASN C 131 1.64 26.66 -11.63
C ASN C 131 0.52 26.38 -10.62
N GLY C 132 0.51 25.20 -10.01
CA GLY C 132 -0.54 24.82 -9.09
C GLY C 132 -0.74 23.32 -9.03
N PRO C 133 -1.61 22.89 -8.12
CA PRO C 133 -1.72 21.46 -7.83
C PRO C 133 -2.64 20.69 -8.76
N VAL C 134 -2.40 19.38 -8.79
CA VAL C 134 -3.23 18.41 -9.51
C VAL C 134 -3.63 17.34 -8.50
N ASP C 135 -4.91 17.02 -8.44
CA ASP C 135 -5.38 15.89 -7.64
C ASP C 135 -4.86 14.59 -8.24
N LEU C 136 -4.15 13.80 -7.44
CA LEU C 136 -3.71 12.49 -7.94
C LEU C 136 -4.87 11.64 -8.43
N LYS C 137 -6.02 11.75 -7.76
CA LYS C 137 -7.22 11.03 -8.18
C LYS C 137 -7.65 11.41 -9.59
N LYS C 138 -7.50 12.68 -9.96
CA LYS C 138 -7.92 13.07 -11.31
C LYS C 138 -7.03 12.43 -12.37
N ILE C 139 -5.73 12.36 -12.10
CA ILE C 139 -4.79 11.71 -12.99
C ILE C 139 -5.11 10.22 -13.13
N THR C 140 -5.22 9.51 -12.01
CA THR C 140 -5.36 8.07 -12.11
C THR C 140 -6.74 7.66 -12.59
N ASN C 141 -7.76 8.50 -12.41
CA ASN C 141 -9.09 8.17 -12.86
C ASN C 141 -9.14 7.95 -14.36
N PHE C 142 -8.26 8.60 -15.13
CA PHE C 142 -8.26 8.42 -16.58
C PHE C 142 -7.99 6.97 -16.96
N PHE C 143 -7.33 6.22 -16.09
CA PHE C 143 -6.89 4.86 -16.40
C PHE C 143 -7.74 3.80 -15.71
N ARG C 144 -8.85 4.20 -15.09
CA ARG C 144 -9.84 3.26 -14.58
C ARG C 144 -10.19 2.23 -15.64
N GLY C 145 -10.50 1.01 -15.17
CA GLY C 145 -10.82 -0.07 -16.09
C GLY C 145 -11.95 0.27 -17.04
N ASP C 146 -12.92 1.08 -16.59
CA ASP C 146 -14.01 1.47 -17.45
C ASP C 146 -13.70 2.67 -18.34
N ARG C 147 -12.62 3.41 -18.05
CA ARG C 147 -12.28 4.59 -18.84
C ARG C 147 -11.07 4.42 -19.74
N CYS C 148 -10.25 3.39 -19.52
CA CYS C 148 -9.18 3.01 -20.45
C CYS C 148 -9.28 1.49 -20.66
N ARG C 149 -10.14 1.08 -21.59
CA ARG C 149 -10.45 -0.36 -21.72
C ARG C 149 -9.23 -1.17 -22.16
N SER C 150 -8.34 -0.58 -22.97
CA SER C 150 -7.18 -1.31 -23.46
C SER C 150 -6.09 -1.50 -22.41
N LEU C 151 -6.23 -0.90 -21.23
CA LEU C 151 -5.41 -1.25 -20.09
C LEU C 151 -6.17 -2.05 -19.04
N ALA C 152 -7.47 -2.32 -19.26
CA ALA C 152 -8.22 -3.10 -18.28
C ALA C 152 -7.59 -4.46 -18.11
N GLY C 153 -7.45 -4.89 -16.86
CA GLY C 153 -6.77 -6.14 -16.52
C GLY C 153 -5.26 -6.08 -16.58
N LYS C 154 -4.67 -4.95 -16.94
CA LYS C 154 -3.23 -4.80 -17.03
C LYS C 154 -2.71 -3.90 -15.91
N PRO C 155 -1.47 -4.12 -15.46
CA PRO C 155 -0.97 -3.35 -14.31
C PRO C 155 -0.65 -1.91 -14.69
N LYS C 156 -1.16 -0.98 -13.88
CA LYS C 156 -0.99 0.46 -14.06
C LYS C 156 -0.20 0.96 -12.86
N LEU C 157 1.05 1.35 -13.10
CA LEU C 157 2.02 1.65 -12.04
C LEU C 157 2.25 3.16 -11.96
N PHE C 158 1.95 3.73 -10.80
CA PHE C 158 2.20 5.14 -10.56
C PHE C 158 3.28 5.27 -9.50
N ILE C 159 4.41 5.85 -9.90
CA ILE C 159 5.58 5.98 -9.03
C ILE C 159 5.73 7.46 -8.70
N ILE C 160 5.67 7.78 -7.41
CA ILE C 160 5.44 9.16 -6.98
C ILE C 160 6.54 9.59 -6.03
N GLN C 161 7.44 10.44 -6.52
CA GLN C 161 8.44 11.10 -5.69
C GLN C 161 7.91 12.50 -5.42
N ALA C 162 7.32 12.68 -4.24
CA ALA C 162 6.69 13.93 -3.85
C ALA C 162 6.35 13.86 -2.37
N CYS C 163 6.34 15.02 -1.71
CA CYS C 163 5.93 15.03 -0.31
C CYS C 163 4.48 14.61 -0.17
N ARG C 164 4.14 14.04 0.98
CA ARG C 164 2.77 13.67 1.30
C ARG C 164 2.29 14.41 2.56
N GLY C 165 2.89 15.54 2.88
CA GLY C 165 2.67 16.20 4.15
C GLY C 165 3.97 16.76 4.64
N THR C 166 4.01 17.15 5.92
CA THR C 166 5.19 17.81 6.47
C THR C 166 5.70 17.13 7.74
N GLU C 167 5.35 15.88 7.97
CA GLU C 167 5.93 15.19 9.12
C GLU C 167 7.34 14.72 8.80
N LEU C 168 8.17 14.67 9.84
CA LEU C 168 9.53 14.18 9.75
C LEU C 168 9.67 12.96 10.64
N ASP C 169 10.40 11.97 10.16
CA ASP C 169 10.61 10.72 10.87
C ASP C 169 11.94 10.82 11.61
N CYS C 170 11.89 10.86 12.95
CA CYS C 170 13.10 10.99 13.75
C CYS C 170 13.92 9.72 13.83
N GLY C 171 13.37 8.59 13.37
CA GLY C 171 14.08 7.33 13.44
C GLY C 171 14.29 6.80 14.85
N ILE C 172 14.80 5.58 14.96
CA ILE C 172 15.13 4.97 16.23
C ILE C 172 16.38 4.12 16.02
N GLU C 173 17.33 4.22 16.95
CA GLU C 173 18.58 3.50 16.79
C GLU C 173 18.35 2.00 16.84
N THR C 174 19.13 1.27 16.03
CA THR C 174 19.05 -0.19 16.01
C THR C 174 19.88 -0.77 17.15
N HIS D 10 -17.83 -11.65 -13.60
CA HIS D 10 -17.98 -11.15 -14.96
C HIS D 10 -17.49 -9.71 -15.06
N LYS D 11 -17.35 -9.03 -13.91
CA LYS D 11 -16.81 -7.68 -13.86
C LYS D 11 -15.57 -7.67 -12.98
N ILE D 12 -14.69 -6.72 -13.24
CA ILE D 12 -13.60 -6.39 -12.31
C ILE D 12 -13.82 -4.99 -11.77
N PRO D 13 -13.31 -4.68 -10.58
CA PRO D 13 -13.41 -3.32 -10.05
C PRO D 13 -12.69 -2.32 -10.95
N VAL D 14 -13.29 -1.13 -11.09
CA VAL D 14 -12.61 -0.11 -11.88
C VAL D 14 -11.32 0.36 -11.22
N GLU D 15 -11.16 0.16 -9.91
CA GLU D 15 -9.93 0.54 -9.23
C GLU D 15 -8.92 -0.60 -9.16
N ALA D 16 -9.23 -1.77 -9.72
CA ALA D 16 -8.30 -2.88 -9.70
C ALA D 16 -7.11 -2.64 -10.63
N ASP D 17 -6.00 -3.28 -10.31
CA ASP D 17 -4.80 -3.37 -11.15
C ASP D 17 -4.01 -2.06 -11.17
N PHE D 18 -4.13 -1.26 -10.11
CA PHE D 18 -3.27 -0.11 -9.88
C PHE D 18 -2.25 -0.45 -8.81
N LEU D 19 -1.04 0.08 -8.98
CA LEU D 19 -0.04 0.10 -7.92
C LEU D 19 0.55 1.50 -7.79
N TYR D 20 0.55 2.02 -6.56
CA TYR D 20 1.13 3.31 -6.22
C TYR D 20 2.39 3.04 -5.42
N ALA D 21 3.54 3.32 -6.02
CA ALA D 21 4.82 3.21 -5.30
C ALA D 21 5.15 4.60 -4.79
N TYR D 22 4.73 4.88 -3.57
CA TYR D 22 5.02 6.18 -2.95
C TYR D 22 6.42 6.20 -2.36
N SER D 23 7.09 7.36 -2.49
CA SER D 23 8.43 7.55 -1.95
C SER D 23 8.47 7.57 -0.44
N THR D 24 7.35 7.84 0.22
CA THR D 24 7.34 8.16 1.63
C THR D 24 5.98 7.79 2.22
N ALA D 25 5.95 7.66 3.55
CA ALA D 25 4.74 7.30 4.27
C ALA D 25 3.68 8.40 4.17
N PRO D 26 2.41 8.04 4.36
CA PRO D 26 1.35 9.07 4.44
C PRO D 26 1.68 10.14 5.48
N GLY D 27 1.50 11.39 5.09
CA GLY D 27 1.71 12.52 5.98
C GLY D 27 3.12 13.05 6.06
N TYR D 28 4.11 12.39 5.45
CA TYR D 28 5.51 12.75 5.66
C TYR D 28 6.10 13.50 4.48
N TYR D 29 7.12 14.31 4.78
CA TYR D 29 7.99 14.82 3.74
C TYR D 29 8.67 13.66 3.02
N SER D 30 9.10 13.92 1.79
CA SER D 30 9.97 13.03 1.04
C SER D 30 11.29 13.75 0.80
N TRP D 31 12.39 13.01 0.88
CA TRP D 31 13.74 13.57 0.87
C TRP D 31 14.38 13.46 -0.50
N ARG D 32 14.97 14.56 -0.96
CA ARG D 32 15.67 14.62 -2.22
C ARG D 32 17.05 15.22 -2.00
N ASN D 33 18.07 14.57 -2.54
CA ASN D 33 19.43 15.11 -2.47
C ASN D 33 19.78 15.84 -3.76
N SER D 34 20.27 17.07 -3.62
CA SER D 34 20.43 17.94 -4.78
C SER D 34 21.54 17.45 -5.71
N LYS D 35 22.47 16.65 -5.22
CA LYS D 35 23.54 16.08 -6.03
C LYS D 35 23.22 14.67 -6.53
N ASP D 36 22.65 13.82 -5.68
CA ASP D 36 22.50 12.40 -5.96
C ASP D 36 21.12 12.02 -6.50
N GLY D 37 20.14 12.92 -6.45
CA GLY D 37 18.76 12.56 -6.71
C GLY D 37 18.03 12.22 -5.43
N SER D 38 16.75 11.91 -5.56
CA SER D 38 15.96 11.57 -4.39
C SER D 38 16.32 10.18 -3.86
N TRP D 39 16.19 10.01 -2.54
CA TRP D 39 16.51 8.73 -1.90
C TRP D 39 15.74 7.60 -2.55
N PHE D 40 14.45 7.82 -2.79
CA PHE D 40 13.56 6.78 -3.29
C PHE D 40 13.89 6.41 -4.74
N ILE D 41 14.01 7.41 -5.60
CA ILE D 41 14.25 7.09 -7.01
C ILE D 41 15.62 6.46 -7.18
N GLN D 42 16.64 6.99 -6.49
CA GLN D 42 17.96 6.35 -6.50
C GLN D 42 17.84 4.87 -6.18
N SER D 43 17.17 4.58 -5.07
CA SER D 43 17.06 3.21 -4.59
C SER D 43 16.22 2.37 -5.53
N LEU D 44 15.14 2.93 -6.06
CA LEU D 44 14.26 2.20 -6.97
C LEU D 44 15.00 1.78 -8.24
N CYS D 45 15.76 2.70 -8.85
CA CYS D 45 16.48 2.36 -10.06
C CYS D 45 17.55 1.30 -9.80
N ALA D 46 18.25 1.42 -8.67
CA ALA D 46 19.26 0.42 -8.32
C ALA D 46 18.64 -0.97 -8.15
N MET D 47 17.50 -1.05 -7.46
CA MET D 47 16.90 -2.37 -7.25
C MET D 47 16.26 -2.91 -8.52
N LEU D 48 15.71 -2.04 -9.37
CA LEU D 48 15.23 -2.51 -10.67
C LEU D 48 16.38 -3.02 -11.51
N LYS D 49 17.48 -2.27 -11.55
CA LYS D 49 18.67 -2.73 -12.28
C LYS D 49 19.16 -4.08 -11.78
N GLN D 50 19.20 -4.29 -10.47
CA GLN D 50 19.77 -5.52 -9.92
C GLN D 50 18.80 -6.71 -9.94
N TYR D 51 17.49 -6.47 -9.83
CA TYR D 51 16.55 -7.57 -9.58
C TYR D 51 15.39 -7.70 -10.57
N ALA D 52 15.28 -6.83 -11.57
CA ALA D 52 14.14 -6.94 -12.49
C ALA D 52 14.12 -8.25 -13.25
N ASP D 53 15.28 -8.89 -13.45
CA ASP D 53 15.30 -10.19 -14.11
C ASP D 53 15.24 -11.35 -13.12
N LYS D 54 14.86 -11.09 -11.86
CA LYS D 54 15.04 -12.08 -10.80
C LYS D 54 13.85 -12.18 -9.85
N LEU D 55 13.23 -11.04 -9.52
CA LEU D 55 12.25 -10.95 -8.45
C LEU D 55 10.94 -10.41 -8.96
N GLU D 56 9.85 -10.86 -8.32
CA GLU D 56 8.55 -10.23 -8.52
C GLU D 56 8.58 -8.81 -7.97
N PHE D 57 7.74 -7.94 -8.56
CA PHE D 57 7.88 -6.50 -8.36
C PHE D 57 7.64 -6.07 -6.91
N MET D 58 6.72 -6.74 -6.19
CA MET D 58 6.53 -6.37 -4.79
C MET D 58 7.79 -6.65 -3.98
N HIS D 59 8.49 -7.73 -4.31
CA HIS D 59 9.73 -8.05 -3.62
C HIS D 59 10.85 -7.09 -3.99
N ILE D 60 10.87 -6.60 -5.24
CA ILE D 60 11.78 -5.51 -5.59
C ILE D 60 11.49 -4.28 -4.75
N LEU D 61 10.21 -3.87 -4.67
CA LEU D 61 9.87 -2.66 -3.93
C LEU D 61 10.09 -2.81 -2.44
N THR D 62 10.01 -4.03 -1.91
CA THR D 62 10.38 -4.25 -0.52
C THR D 62 11.87 -4.00 -0.30
N ARG D 63 12.71 -4.45 -1.25
CA ARG D 63 14.15 -4.13 -1.17
C ARG D 63 14.40 -2.64 -1.25
N VAL D 64 13.61 -1.93 -2.05
CA VAL D 64 13.67 -0.47 -2.09
C VAL D 64 13.31 0.11 -0.71
N ASN D 65 12.24 -0.42 -0.09
CA ASN D 65 11.89 0.03 1.26
C ASN D 65 13.07 -0.10 2.21
N ARG D 66 13.74 -1.26 2.19
CA ARG D 66 14.85 -1.49 3.11
C ARG D 66 16.04 -0.59 2.79
N LYS D 67 16.36 -0.43 1.51
CA LYS D 67 17.47 0.45 1.13
C LYS D 67 17.24 1.86 1.63
N VAL D 68 16.05 2.43 1.36
CA VAL D 68 15.76 3.78 1.81
C VAL D 68 15.78 3.85 3.34
N ALA D 69 15.18 2.87 3.99
CA ALA D 69 15.07 2.87 5.44
C ALA D 69 16.43 2.77 6.12
N THR D 70 17.38 2.04 5.53
CA THR D 70 18.60 1.78 6.26
C THR D 70 19.79 2.62 5.81
N GLU D 71 19.88 2.98 4.53
CA GLU D 71 21.10 3.58 3.99
C GLU D 71 21.07 5.11 3.96
N PHE D 72 19.96 5.72 4.32
CA PHE D 72 19.78 7.16 4.17
C PHE D 72 19.38 7.79 5.50
N GLU D 73 19.91 8.99 5.74
CA GLU D 73 19.55 9.79 6.90
C GLU D 73 19.92 11.23 6.56
N SER D 74 19.02 12.18 6.83
CA SER D 74 19.26 13.54 6.36
C SER D 74 20.39 14.18 7.15
N PHE D 75 21.10 15.09 6.49
CA PHE D 75 22.09 15.94 7.13
C PHE D 75 21.70 17.38 6.87
N SER D 76 21.45 18.14 7.93
CA SER D 76 20.98 19.52 7.79
C SER D 76 21.60 20.42 8.84
N PHE D 77 21.95 21.65 8.44
CA PHE D 77 22.36 22.64 9.44
C PHE D 77 21.20 23.08 10.32
N ASP D 78 19.97 22.81 9.89
CA ASP D 78 18.76 23.13 10.66
C ASP D 78 18.39 21.91 11.51
N ALA D 79 18.43 22.08 12.84
CA ALA D 79 18.16 20.96 13.74
C ALA D 79 16.79 20.33 13.49
N THR D 80 15.81 21.13 13.06
CA THR D 80 14.48 20.59 12.75
C THR D 80 14.54 19.52 11.67
N PHE D 81 15.43 19.68 10.68
CA PHE D 81 15.45 18.79 9.53
C PHE D 81 16.63 17.83 9.54
N HIS D 82 17.43 17.83 10.60
CA HIS D 82 18.63 17.01 10.68
C HIS D 82 18.35 15.61 11.23
N ALA D 83 19.08 14.62 10.69
CA ALA D 83 19.09 13.26 11.20
C ALA D 83 17.73 12.57 11.05
N LYS D 84 17.00 12.87 9.99
CA LYS D 84 15.68 12.30 9.76
C LYS D 84 15.75 11.10 8.81
N LYS D 85 14.71 10.27 8.87
CA LYS D 85 14.67 9.01 8.16
C LYS D 85 13.46 8.97 7.24
N GLN D 86 13.38 7.93 6.40
CA GLN D 86 12.27 7.82 5.45
C GLN D 86 11.95 6.36 5.19
N ILE D 87 10.66 6.05 5.08
CA ILE D 87 10.22 4.72 4.66
C ILE D 87 9.25 4.91 3.49
N PRO D 88 9.52 4.32 2.34
CA PRO D 88 8.57 4.42 1.23
C PRO D 88 7.34 3.57 1.54
N CYS D 89 6.35 3.69 0.67
CA CYS D 89 5.03 3.14 0.99
C CYS D 89 4.44 2.52 -0.27
N ILE D 90 4.41 1.19 -0.31
CA ILE D 90 3.87 0.44 -1.44
C ILE D 90 2.36 0.32 -1.26
N VAL D 91 1.58 0.77 -2.25
CA VAL D 91 0.13 0.67 -2.19
C VAL D 91 -0.32 -0.16 -3.39
N SER D 92 -0.68 -1.43 -3.15
CA SER D 92 -1.00 -2.34 -4.22
C SER D 92 -2.48 -2.70 -4.26
N MET D 93 -3.11 -2.35 -5.38
CA MET D 93 -4.41 -2.93 -5.73
CA MET D 93 -4.41 -2.88 -5.78
C MET D 93 -4.27 -3.85 -6.95
N LEU D 94 -3.10 -4.45 -7.10
CA LEU D 94 -2.87 -5.43 -8.15
C LEU D 94 -3.54 -6.75 -7.82
N THR D 95 -3.86 -7.51 -8.86
CA THR D 95 -4.52 -8.80 -8.69
C THR D 95 -3.64 -9.97 -9.09
N LYS D 96 -2.43 -9.71 -9.58
CA LYS D 96 -1.52 -10.76 -10.00
C LYS D 96 -0.10 -10.35 -9.62
N GLU D 97 0.79 -11.35 -9.63
CA GLU D 97 2.22 -11.06 -9.55
C GLU D 97 2.67 -10.39 -10.84
N LEU D 98 3.67 -9.53 -10.72
CA LEU D 98 4.22 -8.78 -11.84
C LEU D 98 5.71 -9.06 -11.96
N TYR D 99 6.11 -9.66 -13.08
CA TYR D 99 7.51 -9.85 -13.42
C TYR D 99 7.77 -9.05 -14.69
N PHE D 100 8.88 -8.30 -14.70
CA PHE D 100 9.19 -7.53 -15.89
C PHE D 100 9.74 -8.41 -17.01
N TYR D 101 10.20 -9.61 -16.69
CA TYR D 101 10.65 -10.58 -17.67
C TYR D 101 9.51 -11.57 -17.97
N HIS D 102 9.68 -12.34 -19.05
CA HIS D 102 8.70 -13.35 -19.45
C HIS D 102 9.43 -14.57 -20.01
N LEU D 103 8.65 -15.59 -20.39
CA LEU D 103 9.11 -16.88 -20.95
C LEU D 103 9.97 -17.62 -19.94
C ACE E 1 21.05 18.00 0.00
O ACE E 1 20.36 18.00 -0.94
CH3 ACE E 1 22.39 18.61 -0.13
N ASP E 2 20.73 17.51 1.16
CA ASP E 2 19.43 16.96 1.47
C ASP E 2 18.36 18.08 1.53
N GLU E 3 17.33 17.89 0.81
CA GLU E 3 16.27 18.79 0.77
C GLU E 3 14.97 18.05 0.79
N VAL E 4 13.85 18.71 1.15
CA VAL E 4 12.54 18.05 1.15
C VAL E 4 11.60 18.46 -0.01
N ASP E 5 10.72 17.58 -0.44
CA ASP E 5 9.81 17.86 -1.54
C ASP E 5 8.37 18.28 -1.15
C1 0QE E 6 8.00 19.47 -0.67
CL1 0QE E 6 7.16 19.94 0.60
C ACE F 1 -26.02 -9.28 2.68
O ACE F 1 -25.38 -9.08 3.63
CH3 ACE F 1 -27.22 -10.14 2.70
N ASP F 2 -25.73 -8.77 1.50
CA ASP F 2 -24.76 -7.71 1.33
C ASP F 2 -25.10 -6.35 1.99
N GLU F 3 -24.17 -5.91 2.79
CA GLU F 3 -24.29 -4.69 3.50
C GLU F 3 -22.96 -3.92 3.47
N VAL F 4 -22.97 -2.61 3.63
CA VAL F 4 -21.72 -1.91 3.72
C VAL F 4 -21.35 -1.53 5.14
N ASP F 5 -20.10 -1.38 5.31
CA ASP F 5 -19.40 -0.99 6.56
C ASP F 5 -18.95 0.50 6.64
C1 0QE F 6 -20.27 1.27 6.29
CL1 0QE F 6 -19.82 2.74 5.96
NA NA G . -14.82 -6.80 2.79
NA NA H . -16.21 -8.01 10.08
CL CL I . -22.49 -11.93 13.29
NA NA J . 10.27 -1.53 13.11
NA NA K . 12.79 10.14 -1.79
CL CL L . 18.55 18.65 -11.30
NA NA M . -7.67 -3.22 -14.58
#